data_4AZ0
#
_entry.id   4AZ0
#
_cell.length_a   90.530
_cell.length_b   101.638
_cell.length_c   48.179
_cell.angle_alpha   90.00
_cell.angle_beta   101.97
_cell.angle_gamma   90.00
#
_symmetry.space_group_name_H-M   'C 1 2 1'
#
loop_
_entity.id
_entity.type
_entity.pdbx_description
1 polymer 'LYSOSOMAL PROTECTIVE PROTEIN 32 KDA CHAIN'
2 polymer 'LYSOSOMAL PROTECTIVE PROTEIN 20 KDA CHAIN'
3 branched 2-acetamido-2-deoxy-beta-D-glucopyranose-(1-4)-2-acetamido-2-deoxy-beta-D-glucopyranose
4 non-polymer '(S)-3-{[1-(2-Fluoro-phenyl)-5-hydroxy-1H-pyrazole-3-carbonyl]-amino}-3-o-tolyl-propionic acid'
5 non-polymer 'CADMIUM ION'
6 water water
#
loop_
_entity_poly.entity_id
_entity_poly.type
_entity_poly.pdbx_seq_one_letter_code
_entity_poly.pdbx_strand_id
1 'polypeptide(L)'
;SRAPDQDEIQRLPGLAKQPSFRQYSGYLKGSGSKHLHYWFVESQKDPENSPVVLWLNGGPGCSSLDGLLTEHGPFLVQPD
GVTLEYNPYSWNLIANVLYLESPAGVGFSYSDDKFYATNDTEVAQSNFEALQDFFRLFPEYKNNKLFLTGESYAGIYIPT
LAVLVMQDPSMNLQGLAVGNGLSSYEQNDNSLVYFAYYHGLLGNRLWSSLQTHCCSQNKCNFYDNKDLECVTNLQEVARI
VGNSGLNIYNLYAPCAGGVPSHFRYEKDTVVVQDLGNIFTRLPLKRMWHQALLRSGDKVR
;
A
2 'polypeptide(L)'
;MDPPCTNTTAASTYLNNPYVRKALNIPEQLPQWDMCNFLVNLQYRRLYRSMNSQYLKLLSSQKYQILLYNGDVDMACNFM
GDEWFVDSLNQKMEVQRRPWLVKYGDSGEQIAGFVKEFSHIAFLTIKGAGHMVPTDKPLAAFTMFSRFLNKQPYE
;
B
#
loop_
_chem_comp.id
_chem_comp.type
_chem_comp.name
_chem_comp.formula
CD non-polymer 'CADMIUM ION' 'Cd 2'
NAG D-saccharide, beta linking 2-acetamido-2-deoxy-beta-D-glucopyranose 'C8 H15 N O6'
S61 non-polymer '(S)-3-{[1-(2-Fluoro-phenyl)-5-hydroxy-1H-pyrazole-3-carbonyl]-amino}-3-o-tolyl-propionic acid' 'C20 H18 F N3 O4'
#
# COMPACT_ATOMS: atom_id res chain seq x y z
N ARG A 2 25.89 -12.43 10.04
CA ARG A 2 25.44 -11.06 10.30
C ARG A 2 24.45 -10.55 9.24
N ALA A 3 24.69 -10.90 7.95
CA ALA A 3 23.86 -10.51 6.81
C ALA A 3 24.06 -11.51 5.65
N PRO A 4 23.04 -11.79 4.80
CA PRO A 4 23.27 -12.74 3.69
C PRO A 4 24.02 -12.09 2.54
N ASP A 5 25.33 -12.37 2.45
CA ASP A 5 26.22 -11.84 1.41
C ASP A 5 25.87 -12.37 0.02
N GLN A 6 25.14 -13.51 -0.02
CA GLN A 6 24.65 -14.16 -1.24
C GLN A 6 23.60 -13.25 -1.90
N ASP A 7 22.78 -12.56 -1.08
CA ASP A 7 21.68 -11.71 -1.48
C ASP A 7 22.03 -10.25 -1.83
N GLU A 8 23.21 -9.76 -1.39
CA GLU A 8 23.62 -8.38 -1.62
C GLU A 8 23.78 -8.01 -3.09
N ILE A 9 23.18 -6.88 -3.49
CA ILE A 9 23.26 -6.36 -4.86
C ILE A 9 24.55 -5.57 -4.96
N GLN A 10 25.44 -5.96 -5.89
CA GLN A 10 26.74 -5.32 -6.08
C GLN A 10 26.62 -4.10 -7.00
N ARG A 11 26.18 -4.32 -8.24
CA ARG A 11 25.98 -3.27 -9.25
C ARG A 11 24.64 -3.49 -9.94
N LEU A 12 23.76 -2.50 -9.81
CA LEU A 12 22.42 -2.53 -10.39
C LEU A 12 22.40 -1.78 -11.72
N PRO A 13 21.92 -2.41 -12.82
CA PRO A 13 21.91 -1.72 -14.12
C PRO A 13 21.00 -0.50 -14.15
N GLY A 14 21.39 0.50 -14.95
CA GLY A 14 20.62 1.73 -15.10
C GLY A 14 20.95 2.83 -14.11
N LEU A 15 21.77 2.53 -13.08
CA LEU A 15 22.18 3.51 -12.08
C LEU A 15 23.48 4.18 -12.54
N ALA A 16 23.48 5.52 -12.61
CA ALA A 16 24.65 6.30 -13.02
C ALA A 16 25.65 6.46 -11.87
N LYS A 17 25.17 6.36 -10.62
CA LYS A 17 25.97 6.50 -9.40
C LYS A 17 25.70 5.33 -8.46
N GLN A 18 26.76 4.80 -7.82
CA GLN A 18 26.67 3.70 -6.86
C GLN A 18 25.96 4.15 -5.57
N PRO A 19 25.07 3.32 -4.99
CA PRO A 19 24.37 3.74 -3.75
C PRO A 19 25.28 3.84 -2.53
N SER A 20 25.01 4.82 -1.67
CA SER A 20 25.75 5.05 -0.43
C SER A 20 25.37 4.01 0.64
N PHE A 21 24.21 3.36 0.45
CA PHE A 21 23.61 2.35 1.31
C PHE A 21 23.74 0.94 0.72
N ARG A 22 23.66 -0.08 1.57
CA ARG A 22 23.71 -1.49 1.18
C ARG A 22 22.31 -1.95 0.80
N GLN A 23 22.19 -2.78 -0.24
CA GLN A 23 20.90 -3.31 -0.67
C GLN A 23 20.96 -4.80 -0.97
N TYR A 24 19.88 -5.53 -0.63
CA TYR A 24 19.79 -6.98 -0.76
C TYR A 24 18.57 -7.43 -1.54
N SER A 25 18.74 -8.48 -2.35
CA SER A 25 17.66 -9.09 -3.14
C SER A 25 17.83 -10.60 -3.11
N GLY A 26 16.85 -11.27 -2.53
CA GLY A 26 16.85 -12.72 -2.37
C GLY A 26 15.47 -13.25 -2.03
N TYR A 27 15.42 -14.38 -1.33
CA TYR A 27 14.18 -15.04 -0.98
C TYR A 27 13.99 -15.32 0.50
N LEU A 28 12.78 -15.02 1.02
CA LEU A 28 12.38 -15.30 2.40
C LEU A 28 11.46 -16.50 2.37
N LYS A 29 11.62 -17.40 3.34
CA LYS A 29 10.79 -18.60 3.41
C LYS A 29 9.45 -18.30 4.08
N GLY A 30 8.38 -18.53 3.33
CA GLY A 30 7.01 -18.38 3.80
C GLY A 30 6.51 -19.72 4.30
N SER A 31 5.18 -19.92 4.29
CA SER A 31 4.58 -21.18 4.72
C SER A 31 4.78 -22.26 3.64
N GLY A 32 4.78 -23.52 4.06
CA GLY A 32 4.94 -24.67 3.16
C GLY A 32 6.19 -24.62 2.31
N SER A 33 6.01 -24.52 0.98
CA SER A 33 7.10 -24.47 0.00
C SER A 33 7.18 -23.09 -0.70
N LYS A 34 6.66 -22.02 -0.06
CA LYS A 34 6.67 -20.66 -0.61
C LYS A 34 8.00 -19.95 -0.39
N HIS A 35 8.52 -19.33 -1.46
CA HIS A 35 9.76 -18.56 -1.47
C HIS A 35 9.41 -17.14 -1.94
N LEU A 36 9.34 -16.20 -0.98
CA LEU A 36 8.94 -14.83 -1.26
C LEU A 36 10.13 -13.94 -1.57
N HIS A 37 10.15 -13.36 -2.79
CA HIS A 37 11.22 -12.45 -3.20
C HIS A 37 11.13 -11.14 -2.46
N TYR A 38 12.25 -10.72 -1.87
CA TYR A 38 12.37 -9.47 -1.15
C TYR A 38 13.46 -8.60 -1.78
N TRP A 39 13.34 -7.29 -1.58
CA TRP A 39 14.32 -6.29 -2.00
C TRP A 39 14.39 -5.35 -0.81
N PHE A 40 15.48 -5.49 -0.03
CA PHE A 40 15.72 -4.75 1.19
C PHE A 40 16.73 -3.64 0.95
N VAL A 41 16.31 -2.41 1.21
CA VAL A 41 17.15 -1.22 1.03
C VAL A 41 17.44 -0.60 2.40
N GLU A 42 18.70 -0.65 2.82
CA GLU A 42 19.13 -0.10 4.11
C GLU A 42 19.03 1.41 4.15
N SER A 43 18.90 1.98 5.36
CA SER A 43 18.78 3.41 5.57
C SER A 43 20.02 4.17 5.09
N GLN A 44 19.79 5.31 4.43
CA GLN A 44 20.83 6.19 3.89
C GLN A 44 21.54 6.93 5.02
N LYS A 45 20.87 7.07 6.18
CA LYS A 45 21.37 7.72 7.38
C LYS A 45 21.24 6.77 8.59
N ASP A 46 22.39 6.28 9.09
CA ASP A 46 22.53 5.39 10.25
C ASP A 46 21.62 4.13 10.18
N PRO A 47 21.93 3.12 9.31
CA PRO A 47 21.06 1.94 9.20
C PRO A 47 20.93 1.09 10.47
N GLU A 48 22.00 1.01 11.29
CA GLU A 48 22.03 0.21 12.52
C GLU A 48 21.01 0.65 13.57
N ASN A 49 20.65 1.94 13.60
CA ASN A 49 19.68 2.48 14.57
C ASN A 49 18.34 2.91 13.93
N SER A 50 18.29 2.94 12.59
CA SER A 50 17.07 3.31 11.85
C SER A 50 16.02 2.21 11.93
N PRO A 51 14.71 2.53 11.88
CA PRO A 51 13.69 1.47 11.95
C PRO A 51 13.64 0.55 10.74
N VAL A 52 13.10 -0.66 10.93
CA VAL A 52 12.88 -1.64 9.86
C VAL A 52 11.42 -1.44 9.44
N VAL A 53 11.21 -1.17 8.14
CA VAL A 53 9.87 -0.91 7.60
C VAL A 53 9.53 -1.93 6.51
N LEU A 54 8.46 -2.70 6.71
CA LEU A 54 8.00 -3.65 5.71
C LEU A 54 7.00 -2.94 4.80
N TRP A 55 7.15 -3.10 3.46
CA TRP A 55 6.22 -2.50 2.52
C TRP A 55 5.52 -3.56 1.69
N LEU A 56 4.18 -3.52 1.69
CA LEU A 56 3.37 -4.46 0.91
C LEU A 56 2.43 -3.74 -0.04
N ASN A 57 2.49 -4.08 -1.33
CA ASN A 57 1.52 -3.54 -2.29
C ASN A 57 0.31 -4.48 -2.28
N GLY A 58 -0.83 -4.01 -2.77
CA GLY A 58 -2.08 -4.77 -2.74
C GLY A 58 -2.37 -5.71 -3.87
N GLY A 59 -3.56 -5.55 -4.46
CA GLY A 59 -4.07 -6.37 -5.54
C GLY A 59 -5.40 -6.99 -5.16
N PRO A 60 -5.44 -8.22 -4.60
CA PRO A 60 -4.32 -9.15 -4.31
C PRO A 60 -3.62 -9.59 -5.59
N GLY A 61 -2.31 -9.82 -5.51
CA GLY A 61 -1.53 -10.26 -6.66
C GLY A 61 -0.56 -9.25 -7.26
N CYS A 62 -0.53 -8.02 -6.74
CA CYS A 62 0.38 -6.98 -7.26
C CYS A 62 1.69 -6.92 -6.48
N SER A 63 2.79 -6.61 -7.20
CA SER A 63 4.14 -6.57 -6.67
C SER A 63 4.53 -5.35 -5.85
N SER A 64 5.25 -5.60 -4.73
CA SER A 64 5.78 -4.55 -3.85
C SER A 64 6.96 -3.81 -4.51
N LEU A 65 7.47 -4.35 -5.65
CA LEU A 65 8.56 -3.71 -6.42
C LEU A 65 8.05 -2.46 -7.14
N ASP A 66 6.72 -2.33 -7.31
CA ASP A 66 6.03 -1.15 -7.85
C ASP A 66 6.28 -0.01 -6.87
N GLY A 67 6.13 -0.33 -5.57
CA GLY A 67 6.37 0.60 -4.47
C GLY A 67 7.79 1.14 -4.45
N LEU A 68 8.76 0.29 -4.82
CA LEU A 68 10.17 0.69 -4.88
C LEU A 68 10.46 1.57 -6.10
N LEU A 69 10.28 1.00 -7.30
CA LEU A 69 10.61 1.66 -8.57
C LEU A 69 9.68 2.77 -9.04
N THR A 70 8.46 2.89 -8.48
CA THR A 70 7.52 3.94 -8.92
C THR A 70 7.00 4.84 -7.80
N GLU A 71 7.03 4.37 -6.55
CA GLU A 71 6.48 5.13 -5.42
C GLU A 71 7.48 5.83 -4.51
N HIS A 72 8.06 5.10 -3.55
CA HIS A 72 8.96 5.67 -2.53
C HIS A 72 10.34 5.01 -2.37
N GLY A 73 10.78 4.28 -3.38
CA GLY A 73 12.07 3.62 -3.36
C GLY A 73 13.25 4.57 -3.49
N PRO A 74 14.49 4.09 -3.26
CA PRO A 74 15.68 4.97 -3.36
C PRO A 74 15.97 5.51 -4.75
N PHE A 75 15.53 4.76 -5.77
CA PHE A 75 15.67 5.10 -7.19
C PHE A 75 14.37 4.75 -7.90
N LEU A 76 14.03 5.53 -8.93
CA LEU A 76 12.79 5.36 -9.68
C LEU A 76 13.05 5.11 -11.16
N VAL A 77 12.31 4.15 -11.76
CA VAL A 77 12.42 3.81 -13.17
C VAL A 77 11.89 4.95 -14.05
N GLN A 78 12.69 5.36 -15.05
CA GLN A 78 12.32 6.44 -15.97
C GLN A 78 11.51 5.88 -17.15
N PRO A 79 10.79 6.73 -17.95
CA PRO A 79 10.00 6.18 -19.07
C PRO A 79 10.72 5.28 -20.09
N ASP A 80 12.05 5.39 -20.22
CA ASP A 80 12.83 4.54 -21.13
C ASP A 80 12.87 3.07 -20.68
N GLY A 81 12.62 2.84 -19.38
CA GLY A 81 12.62 1.52 -18.77
C GLY A 81 14.02 0.93 -18.65
N VAL A 82 15.03 1.80 -18.74
CA VAL A 82 16.46 1.46 -18.70
C VAL A 82 17.12 2.25 -17.57
N THR A 83 16.86 3.57 -17.51
CA THR A 83 17.44 4.50 -16.54
C THR A 83 16.70 4.53 -15.20
N LEU A 84 17.47 4.49 -14.11
CA LEU A 84 16.98 4.64 -12.74
C LEU A 84 17.51 5.97 -12.22
N GLU A 85 16.64 6.79 -11.63
CA GLU A 85 17.07 8.08 -11.09
C GLU A 85 16.79 8.13 -9.60
N TYR A 86 17.76 8.63 -8.82
CA TYR A 86 17.65 8.74 -7.37
C TYR A 86 16.48 9.60 -6.93
N ASN A 87 15.74 9.11 -5.95
CA ASN A 87 14.56 9.76 -5.41
C ASN A 87 14.94 10.59 -4.17
N PRO A 88 14.80 11.94 -4.21
CA PRO A 88 15.15 12.75 -3.03
C PRO A 88 14.13 12.66 -1.90
N TYR A 89 13.00 11.96 -2.14
CA TYR A 89 11.93 11.78 -1.16
C TYR A 89 11.75 10.32 -0.76
N SER A 90 12.78 9.50 -1.03
CA SER A 90 12.82 8.07 -0.73
C SER A 90 12.58 7.81 0.75
N TRP A 91 11.79 6.77 1.04
CA TRP A 91 11.50 6.38 2.42
C TRP A 91 12.71 5.77 3.12
N ASN A 92 13.72 5.30 2.34
CA ASN A 92 14.95 4.74 2.91
C ASN A 92 15.99 5.80 3.35
N LEU A 93 15.61 7.09 3.37
CA LEU A 93 16.51 8.15 3.83
C LEU A 93 16.63 8.09 5.36
N ILE A 94 15.56 7.63 6.03
CA ILE A 94 15.44 7.53 7.49
C ILE A 94 15.02 6.13 7.98
N ALA A 95 14.92 5.15 7.06
CA ALA A 95 14.47 3.80 7.42
C ALA A 95 15.07 2.69 6.55
N ASN A 96 15.15 1.48 7.11
CA ASN A 96 15.60 0.27 6.40
C ASN A 96 14.31 -0.30 5.82
N VAL A 97 14.09 -0.14 4.50
CA VAL A 97 12.84 -0.56 3.85
C VAL A 97 12.88 -1.93 3.19
N LEU A 98 12.01 -2.84 3.67
CA LEU A 98 11.87 -4.20 3.18
C LEU A 98 10.63 -4.33 2.27
N TYR A 99 10.88 -4.42 0.96
CA TYR A 99 9.82 -4.58 -0.03
C TYR A 99 9.66 -6.07 -0.25
N LEU A 100 8.46 -6.61 0.03
CA LEU A 100 8.20 -8.04 -0.09
C LEU A 100 7.14 -8.38 -1.13
N GLU A 101 7.53 -9.13 -2.17
CA GLU A 101 6.61 -9.59 -3.21
C GLU A 101 5.81 -10.74 -2.62
N SER A 102 4.55 -10.47 -2.27
CA SER A 102 3.68 -11.42 -1.59
C SER A 102 2.22 -11.34 -2.07
N PRO A 103 1.45 -12.46 -2.15
CA PRO A 103 1.82 -13.87 -1.83
C PRO A 103 2.68 -14.56 -2.90
N ALA A 104 2.88 -15.89 -2.79
CA ALA A 104 3.68 -16.66 -3.76
C ALA A 104 3.09 -16.56 -5.17
N GLY A 105 3.96 -16.40 -6.17
CA GLY A 105 3.55 -16.25 -7.55
C GLY A 105 3.62 -14.81 -8.03
N VAL A 106 3.60 -13.85 -7.07
CA VAL A 106 3.67 -12.42 -7.33
C VAL A 106 5.09 -12.02 -7.72
N GLY A 107 5.22 -11.48 -8.93
CA GLY A 107 6.50 -11.03 -9.49
C GLY A 107 7.52 -12.14 -9.59
N PHE A 108 8.58 -12.04 -8.76
CA PHE A 108 9.64 -13.05 -8.71
C PHE A 108 9.44 -14.10 -7.61
N SER A 109 8.38 -13.96 -6.78
CA SER A 109 8.06 -14.93 -5.74
C SER A 109 7.49 -16.18 -6.37
N TYR A 110 7.72 -17.34 -5.73
CA TYR A 110 7.27 -18.64 -6.25
C TYR A 110 7.11 -19.68 -5.14
N SER A 111 6.55 -20.84 -5.52
CA SER A 111 6.39 -22.01 -4.65
C SER A 111 6.84 -23.25 -5.42
N ASP A 112 7.44 -24.22 -4.73
CA ASP A 112 7.95 -25.45 -5.35
C ASP A 112 6.88 -26.33 -6.00
N ASP A 113 5.62 -26.26 -5.51
CA ASP A 113 4.48 -27.00 -6.06
C ASP A 113 3.70 -26.22 -7.13
N LYS A 114 4.02 -24.91 -7.32
CA LYS A 114 3.38 -23.97 -8.26
C LYS A 114 1.91 -23.68 -7.95
N PHE A 115 1.42 -24.16 -6.79
CA PHE A 115 0.06 -23.99 -6.29
C PHE A 115 -0.06 -22.60 -5.64
N TYR A 116 -0.65 -21.64 -6.38
CA TYR A 116 -0.79 -20.25 -5.92
C TYR A 116 -2.18 -19.85 -5.41
N ALA A 117 -3.07 -20.83 -5.19
CA ALA A 117 -4.41 -20.60 -4.64
C ALA A 117 -4.25 -20.36 -3.14
N THR A 118 -4.58 -19.15 -2.68
CA THR A 118 -4.42 -18.76 -1.27
C THR A 118 -5.58 -17.93 -0.70
N ASN A 119 -5.50 -17.58 0.59
CA ASN A 119 -6.51 -16.79 1.30
C ASN A 119 -5.90 -15.81 2.31
N ASP A 120 -6.72 -14.91 2.91
CA ASP A 120 -6.29 -13.91 3.88
C ASP A 120 -5.49 -14.45 5.07
N THR A 121 -5.98 -15.53 5.71
CA THR A 121 -5.33 -16.17 6.87
C THR A 121 -4.00 -16.84 6.48
N GLU A 122 -3.95 -17.48 5.30
CA GLU A 122 -2.74 -18.14 4.79
C GLU A 122 -1.63 -17.11 4.47
N VAL A 123 -2.00 -15.99 3.82
CA VAL A 123 -1.07 -14.92 3.45
C VAL A 123 -0.46 -14.25 4.70
N ALA A 124 -1.28 -14.05 5.75
CA ALA A 124 -0.82 -13.46 7.02
C ALA A 124 0.23 -14.35 7.69
N GLN A 125 -0.05 -15.67 7.75
CA GLN A 125 0.85 -16.68 8.33
C GLN A 125 2.14 -16.81 7.52
N SER A 126 2.03 -16.79 6.17
CA SER A 126 3.17 -16.87 5.25
C SER A 126 4.06 -15.62 5.36
N ASN A 127 3.44 -14.41 5.50
CA ASN A 127 4.16 -13.14 5.67
C ASN A 127 4.86 -13.08 7.02
N PHE A 128 4.26 -13.71 8.05
CA PHE A 128 4.83 -13.79 9.40
C PHE A 128 6.08 -14.68 9.38
N GLU A 129 5.99 -15.84 8.70
CA GLU A 129 7.11 -16.76 8.56
C GLU A 129 8.25 -16.13 7.76
N ALA A 130 7.89 -15.29 6.75
CA ALA A 130 8.85 -14.54 5.93
C ALA A 130 9.57 -13.50 6.80
N LEU A 131 8.82 -12.80 7.70
CA LEU A 131 9.36 -11.82 8.65
C LEU A 131 10.34 -12.50 9.62
N GLN A 132 9.98 -13.70 10.12
CA GLN A 132 10.84 -14.51 10.99
C GLN A 132 12.13 -14.88 10.25
N ASP A 133 12.02 -15.22 8.96
CA ASP A 133 13.16 -15.57 8.11
C ASP A 133 14.08 -14.37 7.84
N PHE A 134 13.50 -13.17 7.73
CA PHE A 134 14.25 -11.92 7.52
C PHE A 134 15.15 -11.66 8.72
N PHE A 135 14.61 -11.83 9.95
CA PHE A 135 15.36 -11.63 11.18
C PHE A 135 16.43 -12.70 11.42
N ARG A 136 16.28 -13.88 10.78
CA ARG A 136 17.26 -14.97 10.84
C ARG A 136 18.41 -14.64 9.92
N LEU A 137 18.11 -14.03 8.75
CA LEU A 137 19.11 -13.65 7.75
C LEU A 137 19.79 -12.34 8.11
N PHE A 138 19.06 -11.44 8.80
CA PHE A 138 19.58 -10.15 9.26
C PHE A 138 19.46 -10.06 10.80
N PRO A 139 20.25 -10.84 11.59
CA PRO A 139 20.10 -10.79 13.05
C PRO A 139 20.39 -9.44 13.69
N GLU A 140 21.24 -8.60 13.05
CA GLU A 140 21.59 -7.27 13.57
C GLU A 140 20.40 -6.27 13.62
N TYR A 141 19.24 -6.64 13.01
CA TYR A 141 18.03 -5.82 12.97
C TYR A 141 16.89 -6.27 13.89
N LYS A 142 17.08 -7.38 14.64
CA LYS A 142 16.10 -7.95 15.56
C LYS A 142 15.54 -6.97 16.60
N ASN A 143 16.42 -6.14 17.19
CA ASN A 143 16.06 -5.17 18.24
C ASN A 143 15.61 -3.80 17.70
N ASN A 144 15.73 -3.58 16.39
CA ASN A 144 15.32 -2.34 15.73
C ASN A 144 13.80 -2.19 15.70
N LYS A 145 13.31 -0.94 15.78
CA LYS A 145 11.88 -0.59 15.74
C LYS A 145 11.26 -1.12 14.44
N LEU A 146 10.22 -1.94 14.55
CA LEU A 146 9.56 -2.54 13.39
C LEU A 146 8.22 -1.86 13.08
N PHE A 147 8.06 -1.44 11.83
CA PHE A 147 6.84 -0.81 11.33
C PHE A 147 6.33 -1.60 10.14
N LEU A 148 5.03 -1.92 10.13
CA LEU A 148 4.40 -2.69 9.05
C LEU A 148 3.58 -1.74 8.16
N THR A 149 4.02 -1.51 6.92
CA THR A 149 3.35 -0.55 6.03
C THR A 149 2.83 -1.20 4.75
N GLY A 150 1.84 -0.57 4.14
CA GLY A 150 1.26 -1.08 2.90
C GLY A 150 0.25 -0.20 2.23
N GLU A 151 -0.23 -0.67 1.06
CA GLU A 151 -1.18 0.03 0.20
C GLU A 151 -2.32 -0.86 -0.31
N SER A 152 -3.50 -0.25 -0.52
CA SER A 152 -4.70 -0.85 -1.11
C SER A 152 -5.18 -2.10 -0.37
N TYR A 153 -5.08 -3.31 -0.99
CA TYR A 153 -5.47 -4.55 -0.33
C TYR A 153 -4.63 -4.84 0.91
N ALA A 154 -3.44 -4.21 1.03
CA ALA A 154 -2.58 -4.34 2.22
C ALA A 154 -3.27 -3.78 3.47
N GLY A 155 -4.45 -3.19 3.27
CA GLY A 155 -5.32 -2.74 4.35
C GLY A 155 -5.88 -3.93 5.10
N ILE A 156 -5.79 -5.13 4.47
CA ILE A 156 -6.16 -6.43 5.02
C ILE A 156 -4.86 -7.15 5.43
N TYR A 157 -3.84 -7.18 4.51
CA TYR A 157 -2.54 -7.82 4.73
C TYR A 157 -1.86 -7.37 6.02
N ILE A 158 -1.70 -6.04 6.21
CA ILE A 158 -1.02 -5.43 7.37
C ILE A 158 -1.68 -5.67 8.74
N PRO A 159 -2.98 -5.33 8.98
CA PRO A 159 -3.57 -5.61 10.31
C PRO A 159 -3.64 -7.08 10.67
N THR A 160 -3.87 -7.99 9.68
CA THR A 160 -3.90 -9.43 9.94
C THR A 160 -2.49 -9.91 10.32
N LEU A 161 -1.46 -9.40 9.61
CA LEU A 161 -0.06 -9.72 9.91
C LEU A 161 0.35 -9.18 11.26
N ALA A 162 -0.06 -7.92 11.58
CA ALA A 162 0.23 -7.23 12.84
C ALA A 162 -0.30 -7.94 14.08
N VAL A 163 -1.46 -8.64 13.95
CA VAL A 163 -2.08 -9.41 15.03
C VAL A 163 -1.19 -10.64 15.35
N LEU A 164 -0.54 -11.22 14.32
CA LEU A 164 0.37 -12.35 14.49
C LEU A 164 1.72 -11.90 15.04
N VAL A 165 2.21 -10.73 14.56
CA VAL A 165 3.49 -10.12 14.98
C VAL A 165 3.42 -9.70 16.45
N MET A 166 2.25 -9.16 16.89
CA MET A 166 2.04 -8.71 18.27
C MET A 166 2.13 -9.83 19.33
N GLN A 167 1.98 -11.10 18.89
CA GLN A 167 2.06 -12.29 19.73
C GLN A 167 3.52 -12.80 19.83
N ASP A 168 4.43 -12.24 19.01
CA ASP A 168 5.85 -12.59 18.99
C ASP A 168 6.67 -11.57 19.81
N PRO A 169 7.12 -11.94 21.05
CA PRO A 169 7.88 -10.98 21.86
C PRO A 169 9.24 -10.55 21.29
N SER A 170 9.84 -11.39 20.42
CA SER A 170 11.14 -11.11 19.79
C SER A 170 11.07 -9.98 18.75
N MET A 171 9.87 -9.70 18.20
CA MET A 171 9.67 -8.65 17.21
C MET A 171 9.30 -7.33 17.87
N ASN A 172 10.13 -6.30 17.65
CA ASN A 172 9.97 -4.97 18.23
C ASN A 172 8.95 -4.13 17.43
N LEU A 173 7.69 -4.61 17.38
CA LEU A 173 6.60 -3.94 16.67
C LEU A 173 6.29 -2.61 17.33
N GLN A 174 6.42 -1.52 16.57
CA GLN A 174 6.20 -0.16 17.07
C GLN A 174 4.99 0.52 16.45
N GLY A 175 4.56 0.05 15.29
CA GLY A 175 3.40 0.61 14.62
C GLY A 175 3.10 0.09 13.23
N LEU A 176 2.02 0.61 12.65
CA LEU A 176 1.56 0.28 11.30
C LEU A 176 0.90 1.42 10.54
N ALA A 177 1.22 1.54 9.24
CA ALA A 177 0.69 2.58 8.36
C ALA A 177 0.08 1.97 7.11
N VAL A 178 -1.15 2.39 6.79
CA VAL A 178 -1.88 1.87 5.62
C VAL A 178 -2.31 3.02 4.70
N GLY A 179 -1.86 2.96 3.45
CA GLY A 179 -2.16 3.96 2.43
C GLY A 179 -3.27 3.56 1.51
N ASN A 180 -4.33 4.40 1.41
CA ASN A 180 -5.53 4.17 0.59
C ASN A 180 -5.91 2.69 0.68
N GLY A 181 -6.09 2.22 1.91
CA GLY A 181 -6.33 0.82 2.18
C GLY A 181 -7.76 0.38 2.29
N LEU A 182 -7.98 -0.92 2.08
CA LEU A 182 -9.27 -1.56 2.20
C LEU A 182 -9.40 -1.96 3.66
N SER A 183 -10.21 -1.22 4.40
CA SER A 183 -10.45 -1.47 5.82
C SER A 183 -11.80 -2.12 6.02
N SER A 184 -12.80 -1.69 5.23
CA SER A 184 -14.17 -2.21 5.28
C SER A 184 -14.79 -2.07 3.90
N TYR A 185 -15.34 -3.18 3.37
CA TYR A 185 -16.00 -3.21 2.06
C TYR A 185 -17.24 -2.33 2.08
N GLU A 186 -18.02 -2.38 3.20
CA GLU A 186 -19.24 -1.61 3.42
C GLU A 186 -18.97 -0.11 3.40
N GLN A 187 -18.01 0.34 4.22
CA GLN A 187 -17.65 1.76 4.33
C GLN A 187 -17.10 2.29 3.00
N ASN A 188 -16.26 1.49 2.31
CA ASN A 188 -15.67 1.85 1.02
C ASN A 188 -16.72 2.04 -0.08
N ASP A 189 -17.65 1.07 -0.22
CA ASP A 189 -18.71 1.08 -1.23
C ASP A 189 -19.73 2.19 -1.01
N ASN A 190 -20.15 2.44 0.25
CA ASN A 190 -21.09 3.49 0.61
C ASN A 190 -20.50 4.87 0.35
N SER A 191 -19.25 5.11 0.78
CA SER A 191 -18.55 6.38 0.60
C SER A 191 -18.23 6.69 -0.87
N LEU A 192 -17.95 5.65 -1.71
CA LEU A 192 -17.63 5.81 -3.13
C LEU A 192 -18.80 6.40 -3.93
N VAL A 193 -20.03 5.95 -3.66
CA VAL A 193 -21.24 6.44 -4.34
C VAL A 193 -21.41 7.94 -4.05
N TYR A 194 -21.19 8.35 -2.78
CA TYR A 194 -21.20 9.74 -2.34
C TYR A 194 -20.04 10.51 -2.99
N PHE A 195 -18.84 9.88 -3.07
CA PHE A 195 -17.64 10.46 -3.68
C PHE A 195 -17.90 10.76 -5.16
N ALA A 196 -18.46 9.79 -5.89
CA ALA A 196 -18.76 9.91 -7.32
C ALA A 196 -19.77 11.03 -7.63
N TYR A 197 -20.83 11.16 -6.81
CA TYR A 197 -21.81 12.24 -7.04
C TYR A 197 -21.23 13.62 -6.74
N TYR A 198 -20.59 13.79 -5.57
CA TYR A 198 -20.04 15.08 -5.19
C TYR A 198 -18.77 15.51 -5.93
N HIS A 199 -18.23 14.64 -6.79
CA HIS A 199 -17.10 14.95 -7.65
C HIS A 199 -17.58 15.16 -9.11
N GLY A 200 -18.90 15.23 -9.28
CA GLY A 200 -19.55 15.49 -10.57
C GLY A 200 -19.47 14.42 -11.63
N LEU A 201 -19.45 13.15 -11.21
CA LEU A 201 -19.40 12.01 -12.13
C LEU A 201 -20.80 11.47 -12.40
N LEU A 202 -21.71 11.68 -11.44
CA LEU A 202 -23.11 11.27 -11.55
C LEU A 202 -23.99 12.51 -11.54
N GLY A 203 -25.07 12.46 -12.31
CA GLY A 203 -26.01 13.57 -12.39
C GLY A 203 -27.09 13.52 -11.32
N ASN A 204 -27.94 14.55 -11.28
CA ASN A 204 -29.04 14.65 -10.33
C ASN A 204 -30.09 13.56 -10.54
N ARG A 205 -30.29 13.12 -11.80
CA ARG A 205 -31.23 12.05 -12.17
C ARG A 205 -30.81 10.69 -11.61
N LEU A 206 -29.51 10.34 -11.74
CA LEU A 206 -28.99 9.07 -11.22
C LEU A 206 -28.95 9.11 -9.68
N TRP A 207 -28.54 10.26 -9.11
CA TRP A 207 -28.45 10.50 -7.67
C TRP A 207 -29.81 10.44 -6.98
N SER A 208 -30.86 11.08 -7.57
CA SER A 208 -32.23 11.07 -7.02
C SER A 208 -32.76 9.66 -6.98
N SER A 209 -32.50 8.87 -8.04
CA SER A 209 -32.89 7.46 -8.17
C SER A 209 -32.15 6.59 -7.14
N LEU A 210 -30.86 6.93 -6.86
CA LEU A 210 -30.04 6.23 -5.87
C LEU A 210 -30.58 6.50 -4.45
N GLN A 211 -30.82 7.79 -4.13
CA GLN A 211 -31.34 8.26 -2.83
C GLN A 211 -32.74 7.74 -2.50
N THR A 212 -33.55 7.42 -3.52
CA THR A 212 -34.92 6.93 -3.37
C THR A 212 -34.99 5.39 -3.25
N HIS A 213 -34.17 4.67 -4.03
CA HIS A 213 -34.16 3.21 -4.05
C HIS A 213 -33.10 2.50 -3.20
N CYS A 214 -32.09 3.22 -2.68
CA CYS A 214 -31.02 2.64 -1.86
C CYS A 214 -31.04 3.14 -0.42
N CYS A 215 -31.67 4.31 -0.18
CA CYS A 215 -31.68 4.96 1.13
C CYS A 215 -33.01 5.00 1.86
N SER A 216 -32.95 5.10 3.20
CA SER A 216 -34.08 5.22 4.12
C SER A 216 -33.78 6.33 5.13
N GLN A 217 -34.69 7.31 5.26
CA GLN A 217 -34.59 8.50 6.12
C GLN A 217 -33.30 9.33 5.98
N ASN A 218 -32.25 9.01 6.77
CA ASN A 218 -30.96 9.70 6.73
C ASN A 218 -29.82 8.77 6.34
N LYS A 219 -30.02 7.44 6.51
CA LYS A 219 -29.02 6.40 6.22
C LYS A 219 -29.16 5.85 4.80
N CYS A 220 -28.02 5.47 4.19
CA CYS A 220 -27.95 4.92 2.84
C CYS A 220 -27.29 3.55 2.83
N ASN A 221 -27.76 2.65 1.94
CA ASN A 221 -27.17 1.34 1.75
C ASN A 221 -26.85 1.09 0.29
N PHE A 222 -25.56 1.26 -0.06
CA PHE A 222 -25.03 1.08 -1.41
C PHE A 222 -24.11 -0.17 -1.44
N TYR A 223 -24.05 -0.90 -0.31
CA TYR A 223 -23.22 -2.09 -0.14
C TYR A 223 -23.95 -3.42 -0.41
N ASP A 224 -24.89 -3.82 0.48
CA ASP A 224 -25.61 -5.09 0.36
C ASP A 224 -27.13 -4.92 0.19
N ASN A 225 -27.55 -3.88 -0.55
CA ASN A 225 -28.97 -3.59 -0.79
C ASN A 225 -29.58 -4.58 -1.78
N LYS A 226 -30.74 -5.16 -1.41
CA LYS A 226 -31.45 -6.15 -2.22
C LYS A 226 -32.46 -5.52 -3.18
N ASP A 227 -32.75 -4.21 -3.02
CA ASP A 227 -33.69 -3.45 -3.85
C ASP A 227 -33.32 -3.54 -5.32
N LEU A 228 -34.34 -3.77 -6.16
CA LEU A 228 -34.28 -3.98 -7.60
C LEU A 228 -33.60 -2.87 -8.41
N GLU A 229 -34.14 -1.64 -8.34
CA GLU A 229 -33.59 -0.49 -9.06
C GLU A 229 -32.23 -0.09 -8.48
N CYS A 230 -32.02 -0.32 -7.17
CA CYS A 230 -30.78 0.00 -6.46
C CYS A 230 -29.59 -0.72 -7.08
N VAL A 231 -29.72 -2.05 -7.32
CA VAL A 231 -28.69 -2.89 -7.95
C VAL A 231 -28.38 -2.36 -9.36
N THR A 232 -29.44 -2.01 -10.12
CA THR A 232 -29.38 -1.46 -11.47
C THR A 232 -28.64 -0.10 -11.49
N ASN A 233 -29.00 0.80 -10.54
CA ASN A 233 -28.39 2.13 -10.41
C ASN A 233 -26.93 2.06 -9.98
N LEU A 234 -26.59 1.15 -9.04
CA LEU A 234 -25.22 0.94 -8.56
C LEU A 234 -24.32 0.37 -9.66
N GLN A 235 -24.92 -0.41 -10.58
CA GLN A 235 -24.22 -0.99 -11.73
C GLN A 235 -23.87 0.10 -12.74
N GLU A 236 -24.73 1.14 -12.85
CA GLU A 236 -24.50 2.30 -13.72
C GLU A 236 -23.37 3.14 -13.14
N VAL A 237 -23.32 3.27 -11.79
CA VAL A 237 -22.27 3.98 -11.05
C VAL A 237 -20.95 3.25 -11.29
N ALA A 238 -20.95 1.90 -11.18
CA ALA A 238 -19.80 1.03 -11.42
C ALA A 238 -19.25 1.20 -12.84
N ARG A 239 -20.14 1.41 -13.83
CA ARG A 239 -19.79 1.63 -15.23
C ARG A 239 -19.17 3.03 -15.43
N ILE A 240 -19.72 4.06 -14.76
CA ILE A 240 -19.21 5.44 -14.85
C ILE A 240 -17.83 5.57 -14.17
N VAL A 241 -17.73 5.09 -12.92
CA VAL A 241 -16.52 5.17 -12.09
C VAL A 241 -15.32 4.36 -12.62
N GLY A 242 -15.52 3.09 -12.97
CA GLY A 242 -14.43 2.22 -13.41
C GLY A 242 -14.39 1.70 -14.84
N ASN A 243 -15.40 2.03 -15.68
CA ASN A 243 -15.42 1.52 -17.06
C ASN A 243 -15.73 2.57 -18.16
N SER A 244 -15.78 3.87 -17.82
CA SER A 244 -16.09 4.93 -18.79
C SER A 244 -14.85 5.62 -19.41
N GLY A 245 -13.69 5.46 -18.79
CA GLY A 245 -12.46 6.08 -19.24
C GLY A 245 -11.86 7.01 -18.21
N LEU A 246 -12.47 7.06 -17.01
CA LEU A 246 -11.97 7.86 -15.89
C LEU A 246 -10.91 7.05 -15.18
N ASN A 247 -9.86 7.71 -14.69
CA ASN A 247 -8.81 7.03 -13.95
C ASN A 247 -9.31 6.88 -12.51
N ILE A 248 -9.66 5.64 -12.13
CA ILE A 248 -10.17 5.28 -10.80
C ILE A 248 -9.12 5.53 -9.68
N TYR A 249 -7.83 5.49 -10.04
CA TYR A 249 -6.72 5.68 -9.11
C TYR A 249 -6.35 7.14 -8.85
N ASN A 250 -6.75 8.05 -9.76
CA ASN A 250 -6.56 9.50 -9.65
C ASN A 250 -7.51 10.16 -10.64
N LEU A 251 -8.65 10.63 -10.11
CA LEU A 251 -9.74 11.27 -10.86
C LEU A 251 -9.31 12.38 -11.84
N TYR A 252 -8.34 13.20 -11.43
CA TYR A 252 -7.87 14.33 -12.25
C TYR A 252 -6.65 14.04 -13.13
N ALA A 253 -6.22 12.77 -13.18
CA ALA A 253 -5.10 12.33 -14.00
C ALA A 253 -5.64 11.69 -15.29
N PRO A 254 -4.86 11.66 -16.41
CA PRO A 254 -5.38 10.99 -17.61
C PRO A 254 -5.39 9.47 -17.47
N CYS A 255 -6.21 8.81 -18.27
CA CYS A 255 -6.28 7.35 -18.29
C CYS A 255 -5.27 6.88 -19.33
N ALA A 256 -4.21 6.17 -18.89
CA ALA A 256 -3.15 5.66 -19.75
C ALA A 256 -3.72 4.72 -20.83
N GLY A 257 -3.41 5.04 -22.08
CA GLY A 257 -3.91 4.30 -23.24
C GLY A 257 -5.15 4.91 -23.86
N GLY A 258 -5.67 5.95 -23.22
CA GLY A 258 -6.87 6.67 -23.65
C GLY A 258 -8.17 6.04 -23.20
N VAL A 259 -9.29 6.67 -23.57
CA VAL A 259 -10.65 6.21 -23.27
C VAL A 259 -10.98 4.96 -24.11
N PRO A 260 -11.52 3.86 -23.51
CA PRO A 260 -11.82 2.65 -24.30
C PRO A 260 -12.90 2.80 -25.37
N SER A 261 -12.93 1.85 -26.32
CA SER A 261 -13.90 1.82 -27.43
C SER A 261 -15.26 1.29 -26.96
N PRO B 3 -4.01 -3.51 -14.02
CA PRO B 3 -5.15 -2.68 -13.64
C PRO B 3 -5.45 -1.58 -14.67
N PRO B 4 -6.74 -1.21 -14.89
CA PRO B 4 -7.07 -0.18 -15.89
C PRO B 4 -6.51 1.21 -15.62
N CYS B 5 -6.28 1.99 -16.70
CA CYS B 5 -5.76 3.36 -16.72
C CYS B 5 -4.34 3.54 -16.18
N THR B 6 -3.61 2.43 -15.95
CA THR B 6 -2.24 2.46 -15.45
C THR B 6 -1.27 1.93 -16.50
N ASN B 7 -0.11 2.56 -16.61
CA ASN B 7 0.92 2.13 -17.53
C ASN B 7 2.12 1.66 -16.72
N THR B 8 2.34 0.34 -16.70
CA THR B 8 3.39 -0.33 -15.92
C THR B 8 4.60 -0.77 -16.77
N THR B 9 4.59 -0.45 -18.07
CA THR B 9 5.63 -0.79 -19.06
C THR B 9 7.06 -0.51 -18.61
N ALA B 10 7.35 0.72 -18.13
CA ALA B 10 8.69 1.13 -17.68
C ALA B 10 9.29 0.19 -16.62
N ALA B 11 8.51 -0.14 -15.57
CA ALA B 11 8.94 -1.05 -14.51
C ALA B 11 9.04 -2.47 -15.02
N SER B 12 8.10 -2.87 -15.91
CA SER B 12 8.06 -4.20 -16.53
C SER B 12 9.26 -4.41 -17.46
N THR B 13 9.60 -3.39 -18.29
CA THR B 13 10.74 -3.38 -19.21
C THR B 13 12.06 -3.53 -18.42
N TYR B 14 12.17 -2.79 -17.29
CA TYR B 14 13.35 -2.82 -16.44
C TYR B 14 13.56 -4.16 -15.73
N LEU B 15 12.56 -4.63 -14.99
CA LEU B 15 12.64 -5.88 -14.22
C LEU B 15 12.73 -7.16 -15.05
N ASN B 16 12.31 -7.10 -16.34
CA ASN B 16 12.38 -8.24 -17.26
C ASN B 16 13.70 -8.33 -18.02
N ASN B 17 14.58 -7.32 -17.85
CA ASN B 17 15.91 -7.32 -18.46
C ASN B 17 16.74 -8.42 -17.78
N PRO B 18 17.34 -9.36 -18.56
CA PRO B 18 18.08 -10.47 -17.94
C PRO B 18 19.21 -10.09 -16.99
N TYR B 19 19.92 -8.98 -17.26
CA TYR B 19 21.02 -8.48 -16.43
C TYR B 19 20.52 -7.88 -15.11
N VAL B 20 19.27 -7.38 -15.10
CA VAL B 20 18.63 -6.82 -13.91
C VAL B 20 18.25 -7.99 -13.00
N ARG B 21 17.70 -9.07 -13.57
CA ARG B 21 17.31 -10.30 -12.86
C ARG B 21 18.52 -10.96 -12.20
N LYS B 22 19.69 -10.95 -12.89
CA LYS B 22 20.94 -11.52 -12.39
C LYS B 22 21.46 -10.69 -11.22
N ALA B 23 21.42 -9.35 -11.35
CA ALA B 23 21.84 -8.40 -10.31
C ALA B 23 20.92 -8.53 -9.08
N LEU B 24 19.65 -8.90 -9.30
CA LEU B 24 18.67 -9.10 -8.23
C LEU B 24 18.62 -10.54 -7.73
N ASN B 25 19.55 -11.41 -8.21
CA ASN B 25 19.69 -12.82 -7.83
C ASN B 25 18.42 -13.64 -8.07
N ILE B 26 17.77 -13.41 -9.21
CA ILE B 26 16.55 -14.13 -9.59
C ILE B 26 16.93 -15.39 -10.38
N PRO B 27 16.47 -16.60 -9.97
CA PRO B 27 16.78 -17.81 -10.75
C PRO B 27 16.21 -17.69 -12.17
N GLU B 28 17.03 -18.04 -13.18
CA GLU B 28 16.73 -17.95 -14.61
C GLU B 28 15.49 -18.68 -15.11
N GLN B 29 15.12 -19.81 -14.47
CA GLN B 29 13.96 -20.63 -14.87
C GLN B 29 12.59 -19.99 -14.59
N LEU B 30 12.53 -19.05 -13.63
CA LEU B 30 11.29 -18.37 -13.24
C LEU B 30 10.64 -17.59 -14.38
N PRO B 31 9.29 -17.60 -14.49
CA PRO B 31 8.63 -16.85 -15.58
C PRO B 31 8.84 -15.34 -15.52
N GLN B 32 8.45 -14.61 -16.58
CA GLN B 32 8.61 -13.16 -16.65
C GLN B 32 7.86 -12.41 -15.56
N TRP B 33 8.43 -11.26 -15.14
CA TRP B 33 7.88 -10.39 -14.11
C TRP B 33 6.68 -9.61 -14.63
N ASP B 34 5.54 -9.76 -13.94
CA ASP B 34 4.31 -9.03 -14.21
C ASP B 34 4.00 -8.19 -12.98
N MET B 35 3.62 -6.92 -13.20
CA MET B 35 3.27 -5.97 -12.12
C MET B 35 2.21 -6.56 -11.19
N CYS B 36 1.16 -7.15 -11.79
CA CYS B 36 0.06 -7.79 -11.09
C CYS B 36 -0.18 -9.18 -11.68
N ASN B 37 -0.23 -10.21 -10.82
CA ASN B 37 -0.45 -11.59 -11.24
C ASN B 37 -1.95 -11.90 -11.25
N PHE B 38 -2.54 -11.95 -12.45
CA PHE B 38 -3.97 -12.21 -12.68
C PHE B 38 -4.43 -13.54 -12.10
N LEU B 39 -3.61 -14.60 -12.22
CA LEU B 39 -3.91 -15.93 -11.72
C LEU B 39 -3.98 -16.00 -10.20
N VAL B 40 -3.12 -15.24 -9.50
CA VAL B 40 -3.08 -15.14 -8.05
C VAL B 40 -4.38 -14.46 -7.57
N ASN B 41 -4.78 -13.34 -8.23
CA ASN B 41 -5.99 -12.58 -7.93
C ASN B 41 -7.25 -13.42 -8.11
N LEU B 42 -7.34 -14.14 -9.25
CA LEU B 42 -8.46 -15.01 -9.61
C LEU B 42 -8.68 -16.15 -8.60
N GLN B 43 -7.57 -16.78 -8.13
CA GLN B 43 -7.58 -17.90 -7.18
C GLN B 43 -7.71 -17.47 -5.72
N TYR B 44 -7.46 -16.18 -5.42
CA TYR B 44 -7.50 -15.63 -4.07
C TYR B 44 -8.89 -15.68 -3.44
N ARG B 45 -8.99 -16.26 -2.23
CA ARG B 45 -10.24 -16.29 -1.50
C ARG B 45 -10.21 -15.20 -0.43
N ARG B 46 -11.08 -14.19 -0.59
CA ARG B 46 -11.21 -13.08 0.35
C ARG B 46 -12.02 -13.59 1.55
N LEU B 47 -11.48 -13.44 2.77
CA LEU B 47 -12.14 -13.95 3.98
C LEU B 47 -12.72 -12.86 4.87
N TYR B 48 -11.98 -11.77 5.09
CA TYR B 48 -12.42 -10.67 5.95
C TYR B 48 -13.14 -9.59 5.17
N ARG B 49 -14.22 -9.06 5.77
CA ARG B 49 -15.04 -8.00 5.19
C ARG B 49 -14.76 -6.66 5.88
N SER B 50 -14.20 -6.72 7.10
CA SER B 50 -13.86 -5.57 7.94
C SER B 50 -12.64 -5.86 8.80
N MET B 51 -11.81 -4.82 9.02
CA MET B 51 -10.60 -4.90 9.84
C MET B 51 -10.82 -4.35 11.25
N ASN B 52 -12.09 -4.04 11.60
CA ASN B 52 -12.50 -3.49 12.90
C ASN B 52 -11.92 -4.25 14.10
N SER B 53 -12.11 -5.58 14.15
CA SER B 53 -11.60 -6.42 15.25
C SER B 53 -10.07 -6.44 15.34
N GLN B 54 -9.39 -6.50 14.17
CA GLN B 54 -7.91 -6.49 14.06
C GLN B 54 -7.31 -5.22 14.66
N TYR B 55 -7.87 -4.04 14.31
CA TYR B 55 -7.43 -2.74 14.80
C TYR B 55 -7.69 -2.58 16.30
N LEU B 56 -8.88 -2.99 16.78
CA LEU B 56 -9.23 -2.92 18.20
C LEU B 56 -8.33 -3.84 19.05
N LYS B 57 -7.89 -4.98 18.48
CA LYS B 57 -6.97 -5.92 19.11
C LYS B 57 -5.58 -5.29 19.23
N LEU B 58 -5.15 -4.57 18.18
CA LEU B 58 -3.85 -3.87 18.14
C LEU B 58 -3.82 -2.66 19.06
N LEU B 59 -4.95 -1.93 19.16
CA LEU B 59 -5.08 -0.72 19.99
C LEU B 59 -5.23 -1.03 21.49
N SER B 60 -5.71 -2.24 21.84
CA SER B 60 -5.92 -2.69 23.23
C SER B 60 -4.62 -2.73 24.05
N SER B 61 -3.50 -3.05 23.39
CA SER B 61 -2.17 -3.11 24.01
C SER B 61 -1.62 -1.73 24.35
N GLN B 62 -2.01 -0.68 23.58
CA GLN B 62 -1.57 0.71 23.72
C GLN B 62 -0.05 0.88 23.49
N LYS B 63 0.56 -0.07 22.73
CA LYS B 63 1.98 -0.13 22.42
C LYS B 63 2.31 0.32 20.99
N TYR B 64 1.30 0.40 20.11
CA TYR B 64 1.52 0.71 18.69
C TYR B 64 0.89 1.99 18.21
N GLN B 65 1.60 2.70 17.32
CA GLN B 65 1.12 3.92 16.67
C GLN B 65 0.55 3.52 15.32
N ILE B 66 -0.74 3.79 15.11
CA ILE B 66 -1.43 3.41 13.86
C ILE B 66 -1.72 4.62 12.98
N LEU B 67 -1.44 4.49 11.68
CA LEU B 67 -1.70 5.53 10.70
C LEU B 67 -2.44 5.00 9.47
N LEU B 68 -3.57 5.64 9.14
CA LEU B 68 -4.35 5.34 7.95
C LEU B 68 -4.31 6.62 7.10
N TYR B 69 -3.62 6.56 5.97
CA TYR B 69 -3.46 7.73 5.10
C TYR B 69 -4.06 7.51 3.72
N ASN B 70 -4.80 8.51 3.21
CA ASN B 70 -5.45 8.40 1.92
C ASN B 70 -5.28 9.62 1.05
N GLY B 71 -4.99 9.38 -0.22
CA GLY B 71 -4.97 10.42 -1.22
C GLY B 71 -6.42 10.74 -1.51
N ASP B 72 -6.82 12.02 -1.37
CA ASP B 72 -8.22 12.42 -1.53
C ASP B 72 -8.83 12.44 -2.93
N VAL B 73 -8.04 12.14 -3.98
CA VAL B 73 -8.56 12.10 -5.36
C VAL B 73 -8.65 10.68 -5.94
N ASP B 74 -8.40 9.68 -5.07
CA ASP B 74 -8.49 8.27 -5.40
C ASP B 74 -9.95 7.82 -5.29
N MET B 75 -10.40 6.96 -6.21
CA MET B 75 -11.76 6.41 -6.21
C MET B 75 -11.79 4.93 -5.86
N ALA B 76 -10.65 4.20 -5.99
CA ALA B 76 -10.56 2.77 -5.66
C ALA B 76 -10.78 2.53 -4.16
N CYS B 77 -9.99 3.22 -3.31
CA CYS B 77 -10.12 3.17 -1.86
C CYS B 77 -10.10 4.62 -1.36
N ASN B 78 -11.24 5.31 -1.57
CA ASN B 78 -11.43 6.72 -1.25
C ASN B 78 -11.22 7.06 0.23
N PHE B 79 -10.80 8.31 0.49
CA PHE B 79 -10.49 8.84 1.83
C PHE B 79 -11.64 8.76 2.84
N MET B 80 -12.90 8.98 2.40
CA MET B 80 -14.07 9.00 3.28
C MET B 80 -14.35 7.64 3.93
N GLY B 81 -14.19 6.56 3.17
CA GLY B 81 -14.37 5.19 3.66
C GLY B 81 -13.45 4.89 4.82
N ASP B 82 -12.18 5.34 4.71
CA ASP B 82 -11.17 5.17 5.76
C ASP B 82 -11.31 6.15 6.92
N GLU B 83 -11.83 7.39 6.67
CA GLU B 83 -12.05 8.36 7.74
C GLU B 83 -13.19 7.86 8.62
N TRP B 84 -14.27 7.34 7.99
CA TRP B 84 -15.44 6.75 8.67
C TRP B 84 -14.95 5.59 9.54
N PHE B 85 -14.12 4.69 8.97
CA PHE B 85 -13.55 3.53 9.64
C PHE B 85 -12.77 3.88 10.91
N VAL B 86 -11.84 4.85 10.83
CA VAL B 86 -11.03 5.30 11.96
C VAL B 86 -11.93 5.89 13.05
N ASP B 87 -12.89 6.75 12.65
CA ASP B 87 -13.86 7.37 13.56
C ASP B 87 -14.74 6.33 14.25
N SER B 88 -15.18 5.28 13.50
CA SER B 88 -16.03 4.20 14.00
C SER B 88 -15.37 3.34 15.08
N LEU B 89 -14.02 3.34 15.15
CA LEU B 89 -13.24 2.62 16.15
C LEU B 89 -13.43 3.20 17.55
N ASN B 90 -13.96 4.45 17.62
CA ASN B 90 -14.33 5.19 18.82
C ASN B 90 -13.24 5.18 19.89
N GLN B 91 -12.06 5.71 19.55
CA GLN B 91 -10.93 5.72 20.48
C GLN B 91 -10.88 6.97 21.36
N LYS B 92 -10.18 6.88 22.50
CA LYS B 92 -10.01 7.98 23.46
C LYS B 92 -9.10 9.07 22.88
N MET B 93 -8.98 10.20 23.61
CA MET B 93 -8.14 11.35 23.27
C MET B 93 -8.40 11.90 21.85
N GLU B 94 -9.68 12.05 21.49
CA GLU B 94 -10.10 12.59 20.20
C GLU B 94 -9.68 14.06 20.12
N VAL B 95 -8.95 14.39 19.04
CA VAL B 95 -8.44 15.72 18.75
C VAL B 95 -9.29 16.32 17.62
N GLN B 96 -9.42 17.66 17.61
CA GLN B 96 -10.15 18.39 16.58
C GLN B 96 -9.42 18.21 15.24
N ARG B 97 -10.18 17.96 14.16
CA ARG B 97 -9.64 17.79 12.81
C ARG B 97 -8.94 19.08 12.43
N ARG B 98 -7.70 18.98 11.95
CA ARG B 98 -6.87 20.12 11.60
C ARG B 98 -6.12 19.90 10.31
N PRO B 99 -5.76 20.98 9.56
CA PRO B 99 -4.91 20.77 8.37
C PRO B 99 -3.47 20.49 8.80
N TRP B 100 -2.73 19.76 7.96
CA TRP B 100 -1.31 19.49 8.22
C TRP B 100 -0.49 20.15 7.12
N LEU B 101 0.66 20.74 7.50
CA LEU B 101 1.48 21.53 6.58
C LEU B 101 2.77 20.89 6.11
N VAL B 102 3.19 21.29 4.90
CA VAL B 102 4.44 20.87 4.24
C VAL B 102 5.11 22.13 3.67
N LYS B 103 6.42 22.25 3.88
CA LYS B 103 7.23 23.36 3.38
C LYS B 103 7.73 23.02 1.97
N TYR B 104 7.17 23.69 0.95
CA TYR B 104 7.54 23.50 -0.45
C TYR B 104 8.53 24.58 -0.88
N GLY B 105 9.68 24.13 -1.42
CA GLY B 105 10.79 24.95 -1.91
C GLY B 105 10.76 26.41 -1.53
N ASP B 106 10.32 27.27 -2.47
CA ASP B 106 10.17 28.71 -2.28
C ASP B 106 8.69 29.15 -2.30
N SER B 107 7.78 28.18 -2.47
CA SER B 107 6.32 28.38 -2.49
C SER B 107 5.76 28.56 -1.06
N GLY B 108 6.60 28.33 -0.06
CA GLY B 108 6.26 28.47 1.36
C GLY B 108 5.47 27.31 1.93
N GLU B 109 4.85 27.53 3.09
CA GLU B 109 4.02 26.54 3.80
C GLU B 109 2.69 26.36 3.08
N GLN B 110 2.32 25.11 2.80
CA GLN B 110 1.08 24.75 2.12
C GLN B 110 0.34 23.66 2.87
N ILE B 111 -1.01 23.64 2.74
CA ILE B 111 -1.83 22.59 3.34
C ILE B 111 -1.65 21.32 2.50
N ALA B 112 -1.08 20.28 3.11
CA ALA B 112 -0.82 19.01 2.43
C ALA B 112 -2.01 18.06 2.54
N GLY B 113 -2.92 18.38 3.45
CA GLY B 113 -4.14 17.63 3.71
C GLY B 113 -4.68 17.91 5.10
N PHE B 114 -5.53 17.01 5.61
CA PHE B 114 -6.15 17.12 6.93
C PHE B 114 -5.88 15.89 7.81
N VAL B 115 -5.67 16.13 9.13
CA VAL B 115 -5.39 15.09 10.12
C VAL B 115 -6.48 14.98 11.19
N LYS B 116 -6.97 13.74 11.40
CA LYS B 116 -7.96 13.43 12.44
C LYS B 116 -7.29 12.45 13.40
N GLU B 117 -6.93 12.95 14.59
CA GLU B 117 -6.19 12.17 15.58
C GLU B 117 -7.00 11.73 16.79
N PHE B 118 -6.68 10.52 17.27
CA PHE B 118 -7.19 9.86 18.47
C PHE B 118 -5.95 9.25 19.16
N SER B 119 -6.13 8.62 20.34
CA SER B 119 -5.03 7.99 21.05
C SER B 119 -4.53 6.77 20.25
N HIS B 120 -3.22 6.75 19.91
CA HIS B 120 -2.52 5.69 19.17
C HIS B 120 -2.99 5.43 17.72
N ILE B 121 -3.90 6.27 17.20
CA ILE B 121 -4.43 6.15 15.85
C ILE B 121 -4.76 7.52 15.23
N ALA B 122 -4.38 7.71 13.96
CA ALA B 122 -4.65 8.93 13.23
C ALA B 122 -5.02 8.64 11.79
N PHE B 123 -5.99 9.40 11.26
CA PHE B 123 -6.38 9.33 9.86
C PHE B 123 -5.85 10.60 9.19
N LEU B 124 -5.27 10.45 7.98
CA LEU B 124 -4.71 11.56 7.21
C LEU B 124 -5.14 11.58 5.77
N THR B 125 -5.44 12.79 5.25
CA THR B 125 -5.72 12.96 3.82
C THR B 125 -4.46 13.55 3.21
N ILE B 126 -4.21 13.24 1.95
CA ILE B 126 -3.10 13.83 1.20
C ILE B 126 -3.77 14.50 0.01
N LYS B 127 -3.94 15.83 0.12
CA LYS B 127 -4.60 16.69 -0.85
C LYS B 127 -3.94 16.64 -2.23
N GLY B 128 -4.74 16.31 -3.24
CA GLY B 128 -4.28 16.23 -4.63
C GLY B 128 -3.66 14.91 -5.03
N ALA B 129 -3.48 14.00 -4.06
CA ALA B 129 -2.89 12.68 -4.31
C ALA B 129 -3.94 11.63 -4.60
N GLY B 130 -3.59 10.69 -5.46
CA GLY B 130 -4.47 9.58 -5.81
C GLY B 130 -4.11 8.35 -5.00
N HIS B 131 -4.34 7.17 -5.60
CA HIS B 131 -4.10 5.85 -5.02
C HIS B 131 -2.66 5.63 -4.57
N MET B 132 -1.69 6.11 -5.37
CA MET B 132 -0.26 5.99 -5.06
C MET B 132 0.25 7.34 -4.58
N VAL B 133 -0.02 7.63 -3.30
CA VAL B 133 0.35 8.86 -2.61
C VAL B 133 1.81 9.30 -2.84
N PRO B 134 2.84 8.41 -2.65
CA PRO B 134 4.23 8.86 -2.87
C PRO B 134 4.59 9.20 -4.32
N THR B 135 3.84 8.66 -5.31
CA THR B 135 4.07 8.95 -6.72
C THR B 135 3.56 10.37 -7.04
N ASP B 136 2.34 10.69 -6.58
CA ASP B 136 1.68 11.98 -6.82
C ASP B 136 2.20 13.11 -5.95
N LYS B 137 2.39 12.87 -4.65
CA LYS B 137 2.87 13.87 -3.70
C LYS B 137 4.08 13.31 -2.92
N PRO B 138 5.28 13.21 -3.54
CA PRO B 138 6.44 12.62 -2.84
C PRO B 138 6.90 13.34 -1.58
N LEU B 139 6.97 14.69 -1.59
CA LEU B 139 7.40 15.48 -0.43
C LEU B 139 6.43 15.37 0.74
N ALA B 140 5.11 15.48 0.48
CA ALA B 140 4.05 15.34 1.49
C ALA B 140 4.08 13.92 2.09
N ALA B 141 4.28 12.88 1.24
CA ALA B 141 4.37 11.48 1.65
C ALA B 141 5.59 11.23 2.56
N PHE B 142 6.75 11.84 2.23
CA PHE B 142 7.97 11.71 3.04
C PHE B 142 7.79 12.38 4.41
N THR B 143 7.24 13.62 4.43
CA THR B 143 6.99 14.41 5.62
C THR B 143 6.08 13.65 6.59
N MET B 144 4.99 13.06 6.06
CA MET B 144 4.04 12.24 6.81
C MET B 144 4.75 10.98 7.36
N PHE B 145 5.53 10.29 6.50
CA PHE B 145 6.29 9.09 6.87
C PHE B 145 7.30 9.38 7.99
N SER B 146 8.02 10.51 7.88
CA SER B 146 9.01 10.95 8.86
C SER B 146 8.35 11.22 10.22
N ARG B 147 7.21 11.92 10.22
CA ARG B 147 6.44 12.25 11.42
C ARG B 147 5.85 10.99 12.07
N PHE B 148 5.47 9.99 11.25
CA PHE B 148 4.92 8.71 11.71
C PHE B 148 5.98 7.88 12.46
N LEU B 149 7.17 7.68 11.86
CA LEU B 149 8.28 6.92 12.45
C LEU B 149 8.75 7.54 13.77
N ASN B 150 8.93 8.87 13.78
CA ASN B 150 9.39 9.64 14.93
C ASN B 150 8.28 9.91 15.96
N LYS B 151 7.04 9.41 15.69
CA LYS B 151 5.84 9.55 16.52
C LYS B 151 5.51 11.02 16.85
N GLN B 152 5.80 11.91 15.88
CA GLN B 152 5.60 13.35 15.95
C GLN B 152 4.17 13.69 15.49
N PRO B 153 3.55 14.83 15.92
CA PRO B 153 2.23 15.19 15.40
C PRO B 153 2.36 15.50 13.90
N TYR B 154 1.35 15.16 13.11
CA TYR B 154 1.39 15.34 11.66
C TYR B 154 1.29 16.78 11.18
N GLU B 155 0.71 17.68 11.99
CA GLU B 155 0.52 19.11 11.67
C GLU B 155 1.82 19.82 11.27
C1 NAG C . -6.91 -20.97 3.72
C2 NAG C . -8.06 -21.93 4.02
C3 NAG C . -7.56 -23.02 4.96
C4 NAG C . -6.34 -23.72 4.38
C5 NAG C . -5.27 -22.70 3.99
C6 NAG C . -4.10 -23.30 3.23
C7 NAG C . -10.38 -21.06 4.04
C8 NAG C . -11.46 -20.50 4.93
N2 NAG C . -9.18 -21.21 4.62
O3 NAG C . -8.59 -23.96 5.20
O4 NAG C . -5.81 -24.59 5.39
O5 NAG C . -5.84 -21.70 3.13
O6 NAG C . -4.45 -23.70 1.92
O7 NAG C . -10.59 -21.39 2.88
C1 NAG C . -5.51 -25.95 5.08
C2 NAG C . -4.91 -26.58 6.33
C3 NAG C . -4.54 -28.03 6.01
C4 NAG C . -5.76 -28.79 5.50
C5 NAG C . -6.39 -28.06 4.31
C6 NAG C . -7.69 -28.66 3.85
C7 NAG C . -3.71 -25.08 7.87
C8 NAG C . -2.43 -24.35 8.13
N2 NAG C . -3.73 -25.85 6.78
O3 NAG C . -4.04 -28.67 7.19
O4 NAG C . -5.38 -30.11 5.11
O5 NAG C . -6.67 -26.69 4.67
O6 NAG C . -8.22 -27.95 2.73
O7 NAG C . -4.69 -24.98 8.62
C1 NAG D . 3.53 3.46 -21.56
C2 NAG D . 3.38 4.45 -22.72
C3 NAG D . 4.59 4.33 -23.65
C4 NAG D . 5.90 4.45 -22.88
C5 NAG D . 5.93 3.40 -21.77
C6 NAG D . 7.15 3.47 -20.88
C7 NAG D . 0.99 4.79 -23.25
C8 NAG D . -0.16 4.31 -24.08
N2 NAG D . 2.15 4.15 -23.44
O3 NAG D . 4.52 5.34 -24.65
O4 NAG D . 7.00 4.29 -23.76
O5 NAG D . 4.79 3.56 -20.91
O6 NAG D . 7.14 4.66 -20.09
O7 NAG D . 0.87 5.70 -22.43
C1 NAG D . 7.99 5.31 -23.78
C2 NAG D . 9.33 4.68 -24.19
C3 NAG D . 10.38 5.80 -24.12
C4 NAG D . 10.00 6.96 -25.03
C5 NAG D . 8.59 7.46 -24.70
C6 NAG D . 8.06 8.48 -25.69
C7 NAG D . 9.57 2.29 -23.66
C8 NAG D . 9.99 1.29 -22.62
N2 NAG D . 9.68 3.59 -23.32
O3 NAG D . 11.65 5.28 -24.51
O4 NAG D . 10.93 8.03 -24.86
O5 NAG D . 7.66 6.36 -24.69
O6 NAG D . 7.77 7.90 -26.95
O7 NAG D . 9.16 1.93 -24.77
C26 S61 E . -3.00 0.19 -9.40
C25 S61 E . -1.74 -0.61 -9.15
C24 S61 E . -0.66 -0.47 -10.02
C23 S61 E . 0.53 -1.13 -9.81
C22 S61 E . 0.67 -1.96 -8.72
C21 S61 E . -0.38 -2.13 -7.83
C20 S61 E . -1.60 -1.47 -8.04
C16 S61 E . -2.73 -1.65 -7.04
C17 S61 E . -2.41 -2.14 -5.61
C18 S61 E . -1.61 -1.17 -4.77
O27 S61 E . -0.71 -1.53 -4.04
O19 S61 E . -1.99 0.07 -4.89
N15 S61 E . -3.70 -2.56 -7.66
C14 S61 E . -5.04 -2.53 -7.60
O28 S61 E . -5.67 -1.62 -7.06
C10 S61 E . -5.74 -3.69 -8.21
N9 S61 E . -4.94 -4.52 -8.92
C11 S61 E . -7.07 -4.14 -8.20
C12 S61 E . -7.11 -5.30 -8.95
O13 S61 E . -8.07 -6.18 -9.30
N7 S61 E . -5.79 -5.50 -9.37
C5 S61 E . -5.26 -6.55 -10.16
C4 S61 E . -4.65 -7.65 -9.55
C3 S61 E . -4.19 -8.71 -10.32
C2 S61 E . -4.32 -8.70 -11.70
C1 S61 E . -4.91 -7.62 -12.33
C6 S61 E . -5.37 -6.58 -11.57
F8 S61 E . -5.95 -5.53 -12.18
CD CD F . -24.62 -2.97 7.27
CD CD G . -36.95 0.55 -5.25
CD CD H . -26.20 -4.20 5.57
CD CD I . 21.44 11.28 -10.48
CD CD J . -1.21 8.74 -9.87
CD CD K . -0.32 -7.94 -15.84
#